data_4WCN
#
_entry.id   4WCN
#
_cell.length_a   53.230
_cell.length_b   66.830
_cell.length_c   145.050
_cell.angle_alpha   90.000
_cell.angle_beta   90.000
_cell.angle_gamma   90.000
#
_symmetry.space_group_name_H-M   'P 21 21 21'
#
loop_
_entity.id
_entity.type
_entity.pdbx_description
1 polymer 'Conserved hypothetical secreted protein'
2 non-polymer 'IODIDE ION'
3 non-polymer 'ZINC ION'
4 non-polymer 'SODIUM ION'
5 non-polymer N-acetyl-L-alanyl-N-[(1S,5R)-5-amino-1,5-dicarboxypentyl]-D-glutamine
6 water water
#
_entity_poly.entity_id   1
_entity_poly.type   'polypeptide(L)'
_entity_poly.pdbx_seq_one_letter_code
;MGSSHHHHHHSSGLVPRGSSMEMIEKAPTDLEDRDKAPHLLLLAGIQGDEPGGFNATNLFLMHYSVLKGLVEVVPVLNKP
SMLRNHRGLYGDMNRKFAALDKKDPEYPTIQEIKSLIAKPNIDAVLHLHDGGGYYRPVYVDAMLNPKRWGNCFIIDQDEV
KGAKFPNLLAFANNTIESINAHLLHPIEEYHLKNTRTAQGDTEMQKALTFYAINQKKSAFANEASKELPLASRVFYHLQA
IEGLLNQLNIPFKRDFELNPSSVHALINDKSLWAKISSLPKIPLFNLRPRLNHFPLPHNTKIPQIPIESNAYIVGLVKNK
QEVFLKYGNKLMTRLSPFYIEFDPSLEEVKMQIDNKDQMVKIGSVVEVKESFYIHAMDNIRANVIGFSVSNENKPNEAGY
TIRFKDFQKRFSLDKQERIYRIEFYKNNAFSGMILVKFV
;
_entity_poly.pdbx_strand_id   A
#
# COMPACT_ATOMS: atom_id res chain seq x y z
N SER A 20 -1.70 11.62 -1.86
CA SER A 20 -2.46 11.57 -0.61
C SER A 20 -1.90 10.57 0.41
N MET A 21 -0.75 10.87 1.00
CA MET A 21 -0.20 9.99 2.04
C MET A 21 -1.06 10.07 3.30
N GLU A 22 -0.96 9.03 4.13
CA GLU A 22 -1.69 8.92 5.39
C GLU A 22 -0.73 8.37 6.43
N MET A 23 -1.02 8.59 7.70
CA MET A 23 -0.22 7.97 8.77
C MET A 23 -1.10 6.98 9.52
N ILE A 24 -0.60 5.76 9.70
CA ILE A 24 -1.32 4.73 10.45
C ILE A 24 -0.51 4.34 11.71
N GLU A 25 -1.17 4.23 12.86
CA GLU A 25 -0.53 3.92 14.12
C GLU A 25 -0.62 2.44 14.38
N LYS A 26 0.51 1.84 14.75
CA LYS A 26 0.54 0.47 15.24
C LYS A 26 0.95 0.52 16.70
N ALA A 27 0.01 0.18 17.57
CA ALA A 27 0.16 0.48 18.99
C ALA A 27 -0.40 -0.64 19.81
N PRO A 28 -0.01 -0.71 21.07
CA PRO A 28 -0.58 -1.76 21.90
C PRO A 28 -2.06 -1.60 22.16
N THR A 29 -2.70 -2.71 22.50
CA THR A 29 -4.14 -2.71 22.82
C THR A 29 -4.42 -1.80 24.01
N ASP A 30 -3.55 -1.88 25.02
CA ASP A 30 -3.68 -1.04 26.21
C ASP A 30 -2.96 0.28 25.98
N LEU A 31 -3.71 1.37 26.04
CA LEU A 31 -3.18 2.68 25.68
C LEU A 31 -2.04 3.14 26.59
N GLU A 32 -2.01 2.64 27.83
CA GLU A 32 -0.97 3.04 28.76
C GLU A 32 0.37 2.41 28.36
N ASP A 33 0.33 1.34 27.60
CA ASP A 33 1.55 0.65 27.21
C ASP A 33 2.33 1.45 26.16
N ARG A 34 1.71 2.46 25.56
CA ARG A 34 2.41 3.31 24.61
C ARG A 34 3.65 3.98 25.20
N ASP A 35 3.65 4.26 26.49
CA ASP A 35 4.77 4.99 27.07
C ASP A 35 5.80 4.05 27.68
N LYS A 36 5.62 2.75 27.47
CA LYS A 36 6.46 1.74 28.10
C LYS A 36 7.64 1.30 27.22
N ALA A 37 7.72 1.84 26.00
CA ALA A 37 8.82 1.59 25.07
C ALA A 37 8.95 2.76 24.08
N PRO A 38 10.03 2.79 23.30
CA PRO A 38 10.20 3.96 22.43
C PRO A 38 9.19 4.01 21.29
N HIS A 39 9.24 5.13 20.55
CA HIS A 39 8.36 5.42 19.43
C HIS A 39 9.14 5.60 18.14
N LEU A 40 8.78 4.79 17.13
CA LEU A 40 9.42 4.78 15.83
C LEU A 40 8.44 5.33 14.78
N LEU A 41 8.96 6.18 13.92
CA LEU A 41 8.28 6.61 12.72
C LEU A 41 8.92 5.88 11.54
N LEU A 42 8.10 5.08 10.86
CA LEU A 42 8.50 4.24 9.75
C LEU A 42 7.92 4.80 8.46
N LEU A 43 8.79 5.08 7.49
CA LEU A 43 8.36 5.75 6.27
C LEU A 43 8.88 5.03 5.04
N ALA A 44 8.08 5.02 3.97
CA ALA A 44 8.56 4.50 2.71
C ALA A 44 7.87 5.21 1.54
N GLY A 45 8.31 4.87 0.33
CA GLY A 45 7.67 5.37 -0.88
C GLY A 45 7.84 6.84 -1.19
N ILE A 46 8.95 7.44 -0.78
CA ILE A 46 9.20 8.84 -1.15
C ILE A 46 9.52 8.93 -2.67
N GLN A 47 9.98 7.82 -3.22
CA GLN A 47 10.07 7.64 -4.67
C GLN A 47 9.01 6.64 -5.05
N GLY A 48 8.26 6.93 -6.09
CA GLY A 48 7.09 6.14 -6.40
C GLY A 48 7.39 4.86 -7.14
N ASP A 49 8.64 4.64 -7.54
CA ASP A 49 9.04 3.43 -8.24
C ASP A 49 9.98 2.56 -7.40
N GLU A 50 9.83 2.59 -6.08
CA GLU A 50 10.64 1.79 -5.16
C GLU A 50 9.74 0.91 -4.30
N PRO A 51 9.12 -0.09 -4.93
CA PRO A 51 8.07 -0.88 -4.28
C PRO A 51 8.54 -1.76 -3.13
N GLY A 52 9.82 -2.08 -3.03
CA GLY A 52 10.27 -2.82 -1.86
C GLY A 52 9.88 -2.09 -0.57
N GLY A 53 10.10 -0.78 -0.54
CA GLY A 53 9.81 0.01 0.65
C GLY A 53 8.33 0.04 0.99
N PHE A 54 7.48 0.35 0.02
CA PHE A 54 6.08 0.51 0.39
C PHE A 54 5.29 -0.82 0.42
N ASN A 55 5.81 -1.91 -0.14
CA ASN A 55 5.24 -3.20 0.15
C ASN A 55 5.69 -3.69 1.54
N ALA A 56 6.89 -3.29 1.98
CA ALA A 56 7.30 -3.64 3.32
C ALA A 56 6.45 -2.91 4.38
N THR A 57 6.19 -1.62 4.20
CA THR A 57 5.33 -0.92 5.15
C THR A 57 3.91 -1.45 5.13
N ASN A 58 3.42 -1.77 3.92
CA ASN A 58 2.14 -2.42 3.83
C ASN A 58 2.05 -3.74 4.62
N LEU A 59 3.00 -4.66 4.41
CA LEU A 59 2.95 -5.93 5.16
C LEU A 59 3.12 -5.70 6.67
N PHE A 60 3.92 -4.71 7.03
CA PHE A 60 4.11 -4.43 8.46
C PHE A 60 2.77 -4.01 9.07
N LEU A 61 2.06 -3.12 8.40
CA LEU A 61 0.75 -2.72 8.90
C LEU A 61 -0.26 -3.88 8.95
N MET A 62 -0.23 -4.74 7.94
CA MET A 62 -1.21 -5.82 7.85
C MET A 62 -0.94 -6.99 8.77
N HIS A 63 0.33 -7.26 9.08
CA HIS A 63 0.66 -8.53 9.70
C HIS A 63 1.49 -8.51 10.99
N TYR A 64 1.78 -7.31 11.52
CA TYR A 64 2.54 -7.18 12.75
C TYR A 64 1.68 -6.58 13.83
N SER A 65 2.09 -6.81 15.08
CA SER A 65 1.46 -6.20 16.25
C SER A 65 2.59 -5.58 17.06
N VAL A 66 2.37 -4.36 17.53
CA VAL A 66 3.33 -3.68 18.41
C VAL A 66 2.80 -3.77 19.82
N LEU A 67 3.60 -4.37 20.71
CA LEU A 67 3.04 -4.76 22.02
C LEU A 67 3.26 -3.72 23.11
N LYS A 68 4.23 -2.85 22.92
CA LYS A 68 4.49 -1.74 23.84
C LYS A 68 5.17 -0.65 23.00
N GLY A 69 5.05 0.60 23.39
CA GLY A 69 5.58 1.68 22.58
C GLY A 69 4.66 2.00 21.45
N LEU A 70 5.22 2.42 20.32
CA LEU A 70 4.43 2.91 19.19
C LEU A 70 5.27 2.86 17.93
N VAL A 71 4.67 2.40 16.81
CA VAL A 71 5.28 2.60 15.50
C VAL A 71 4.27 3.34 14.65
N GLU A 72 4.58 4.57 14.31
CA GLU A 72 3.76 5.30 13.36
C GLU A 72 4.28 4.99 11.95
N VAL A 73 3.39 4.77 11.01
CA VAL A 73 3.77 4.33 9.67
C VAL A 73 3.13 5.22 8.63
N VAL A 74 3.95 5.79 7.75
CA VAL A 74 3.46 6.36 6.49
C VAL A 74 3.83 5.35 5.40
N PRO A 75 2.83 4.57 4.93
CA PRO A 75 3.23 3.49 4.04
C PRO A 75 3.76 3.95 2.71
N VAL A 76 3.25 5.06 2.19
CA VAL A 76 3.79 5.63 0.96
C VAL A 76 3.73 7.16 1.03
N LEU A 77 4.90 7.79 0.99
CA LEU A 77 5.02 9.24 1.13
C LEU A 77 4.57 9.98 -0.12
N ASN A 78 4.83 9.38 -1.26
CA ASN A 78 4.58 10.00 -2.57
C ASN A 78 3.54 9.19 -3.32
N LYS A 79 2.30 9.23 -2.84
CA LYS A 79 1.27 8.36 -3.38
C LYS A 79 0.93 8.66 -4.85
N PRO A 80 0.85 9.95 -5.24
CA PRO A 80 0.54 10.17 -6.66
C PRO A 80 1.57 9.55 -7.61
N SER A 81 2.85 9.62 -7.23
CA SER A 81 3.91 9.03 -8.06
C SER A 81 3.84 7.50 -8.04
N MET A 82 3.55 6.91 -6.88
CA MET A 82 3.38 5.47 -6.80
C MET A 82 2.32 5.01 -7.77
N LEU A 83 1.20 5.73 -7.79
CA LEU A 83 0.09 5.32 -8.65
C LEU A 83 0.43 5.32 -10.14
N ARG A 84 1.39 6.17 -10.53
CA ARG A 84 1.83 6.26 -11.93
C ARG A 84 3.19 5.57 -12.16
N ASN A 85 3.59 4.73 -11.21
CA ASN A 85 4.87 4.00 -11.26
C ASN A 85 6.01 4.95 -11.64
N HIS A 86 6.10 6.05 -10.92
CA HIS A 86 6.99 7.14 -11.34
C HIS A 86 7.87 7.53 -10.17
N ARG A 87 9.14 7.80 -10.45
CA ARG A 87 10.09 8.12 -9.39
C ARG A 87 9.64 9.33 -8.59
N GLY A 88 9.08 10.35 -9.25
CA GLY A 88 8.60 11.52 -8.56
C GLY A 88 8.04 12.48 -9.60
N LEU A 89 6.71 12.55 -9.64
CA LEU A 89 6.04 13.35 -10.65
C LEU A 89 6.39 14.83 -10.59
N TYR A 90 6.71 15.31 -9.39
CA TYR A 90 7.05 16.72 -9.17
C TYR A 90 8.50 16.90 -8.78
N GLY A 91 9.36 16.01 -9.25
CA GLY A 91 10.76 16.01 -8.88
C GLY A 91 11.04 15.15 -7.66
N ASP A 92 12.28 15.24 -7.18
CA ASP A 92 12.75 14.40 -6.09
C ASP A 92 12.25 14.95 -4.77
N MET A 93 11.23 14.28 -4.22
CA MET A 93 10.65 14.70 -2.97
C MET A 93 11.68 14.62 -1.84
N ASN A 94 12.67 13.74 -1.97
CA ASN A 94 13.70 13.67 -0.95
C ASN A 94 14.83 14.68 -1.14
N ARG A 95 14.55 15.75 -1.89
CA ARG A 95 15.45 16.90 -1.90
C ARG A 95 14.72 18.17 -1.51
N LYS A 96 13.58 18.01 -0.84
CA LYS A 96 12.72 19.15 -0.52
C LYS A 96 12.58 19.46 0.97
N PHE A 97 13.57 19.05 1.79
CA PHE A 97 13.44 19.19 3.24
C PHE A 97 14.21 20.36 3.80
N ALA A 98 14.98 21.00 2.94
CA ALA A 98 15.67 22.23 3.27
C ALA A 98 14.97 23.43 2.61
N ALA A 99 15.67 24.16 1.74
CA ALA A 99 15.01 25.26 1.02
C ALA A 99 13.90 24.68 0.16
N LEU A 100 12.74 25.33 0.16
CA LEU A 100 11.62 24.89 -0.67
C LEU A 100 10.69 26.08 -0.86
N ASP A 101 10.43 26.38 -2.11
CA ASP A 101 9.52 27.46 -2.51
C ASP A 101 8.09 27.18 -2.07
N LYS A 102 7.41 28.16 -1.49
CA LYS A 102 6.06 27.88 -1.00
C LYS A 102 5.11 27.43 -2.12
N LYS A 103 5.46 27.74 -3.37
CA LYS A 103 4.57 27.37 -4.48
C LYS A 103 4.86 25.97 -5.05
N ASP A 104 5.86 25.26 -4.52
CA ASP A 104 6.11 23.91 -4.99
C ASP A 104 4.87 23.04 -4.75
N PRO A 105 4.50 22.21 -5.72
CA PRO A 105 3.28 21.40 -5.58
C PRO A 105 3.28 20.43 -4.41
N GLU A 106 4.46 20.06 -3.89
CA GLU A 106 4.57 19.14 -2.78
C GLU A 106 4.87 19.86 -1.46
N TYR A 107 4.80 21.18 -1.46
CA TYR A 107 5.13 21.93 -0.26
C TYR A 107 4.23 21.49 0.90
N PRO A 108 2.91 21.35 0.65
CA PRO A 108 2.07 20.92 1.79
C PRO A 108 2.36 19.48 2.27
N THR A 109 2.72 18.58 1.36
CA THR A 109 3.08 17.22 1.74
C THR A 109 4.36 17.25 2.60
N ILE A 110 5.33 18.05 2.20
CA ILE A 110 6.57 18.16 2.98
C ILE A 110 6.30 18.68 4.39
N GLN A 111 5.41 19.68 4.51
CA GLN A 111 5.06 20.17 5.84
C GLN A 111 4.43 19.07 6.70
N GLU A 112 3.58 18.22 6.13
CA GLU A 112 2.98 17.12 6.87
C GLU A 112 4.04 16.12 7.33
N ILE A 113 5.00 15.85 6.45
CA ILE A 113 6.04 14.89 6.77
C ILE A 113 6.94 15.45 7.87
N LYS A 114 7.35 16.69 7.72
CA LYS A 114 8.14 17.34 8.74
C LYS A 114 7.45 17.39 10.11
N SER A 115 6.14 17.65 10.10
CA SER A 115 5.39 17.70 11.34
C SER A 115 5.38 16.34 12.06
N LEU A 116 5.26 15.24 11.30
CA LEU A 116 5.29 13.92 11.91
C LEU A 116 6.66 13.64 12.53
N ILE A 117 7.70 14.03 11.80
CA ILE A 117 9.05 13.74 12.20
C ILE A 117 9.38 14.49 13.46
N ALA A 118 8.98 15.74 13.52
CA ALA A 118 9.43 16.64 14.60
C ALA A 118 8.58 16.54 15.90
N LYS A 119 7.57 15.69 15.91
CA LYS A 119 6.70 15.65 17.09
C LYS A 119 7.41 15.04 18.28
N PRO A 120 7.16 15.59 19.50
CA PRO A 120 7.80 15.02 20.69
C PRO A 120 7.53 13.52 20.86
N ASN A 121 6.46 13.00 20.28
CA ASN A 121 6.10 11.61 20.49
C ASN A 121 6.84 10.65 19.56
N ILE A 122 7.84 11.16 18.87
CA ILE A 122 8.73 10.32 18.06
C ILE A 122 10.14 10.35 18.61
N ASP A 123 10.78 9.19 18.70
CA ASP A 123 12.19 9.10 19.10
C ASP A 123 13.11 8.86 17.90
N ALA A 124 12.69 7.91 17.04
CA ALA A 124 13.53 7.38 15.96
C ALA A 124 12.75 7.38 14.67
N VAL A 125 13.47 7.47 13.55
CA VAL A 125 12.90 7.49 12.21
C VAL A 125 13.65 6.47 11.35
N LEU A 126 12.89 5.66 10.61
CA LEU A 126 13.45 4.67 9.68
C LEU A 126 12.79 4.93 8.34
N HIS A 127 13.62 5.22 7.33
CA HIS A 127 13.18 5.61 5.99
C HIS A 127 13.66 4.56 4.99
N LEU A 128 12.73 3.92 4.29
CA LEU A 128 13.04 2.79 3.43
C LEU A 128 13.11 3.24 1.98
N HIS A 129 14.05 2.64 1.26
CA HIS A 129 14.33 2.93 -0.14
C HIS A 129 14.69 1.66 -0.91
N ASP A 130 14.52 1.67 -2.23
CA ASP A 130 15.14 0.67 -3.10
C ASP A 130 16.24 1.38 -3.85
N GLY A 131 17.40 0.74 -4.02
CA GLY A 131 18.56 1.38 -4.61
C GLY A 131 19.29 0.51 -5.61
N GLY A 132 19.96 1.14 -6.57
CA GLY A 132 20.60 0.39 -7.63
C GLY A 132 21.85 -0.33 -7.17
N GLY A 133 22.10 -1.49 -7.78
CA GLY A 133 23.36 -2.20 -7.59
C GLY A 133 23.48 -2.61 -6.14
N TYR A 134 24.70 -2.77 -5.65
CA TYR A 134 24.98 -3.09 -4.27
C TYR A 134 26.08 -2.18 -3.78
N TYR A 135 25.79 -1.37 -2.77
CA TYR A 135 26.82 -0.52 -2.19
C TYR A 135 28.03 -1.36 -1.74
N ARG A 136 29.23 -0.91 -2.09
CA ARG A 136 30.46 -1.36 -1.43
C ARG A 136 31.28 -0.15 -1.04
N PRO A 137 31.98 -0.22 0.12
CA PRO A 137 32.78 0.93 0.58
C PRO A 137 34.02 1.20 -0.29
N VAL A 138 34.42 0.22 -1.09
CA VAL A 138 35.47 0.43 -2.07
C VAL A 138 34.95 0.02 -3.44
N TYR A 139 35.48 0.64 -4.49
CA TYR A 139 35.12 0.31 -5.85
C TYR A 139 35.50 -1.12 -6.23
N VAL A 140 34.51 -1.92 -6.61
CA VAL A 140 34.77 -3.26 -7.12
C VAL A 140 34.50 -3.32 -8.63
N ASP A 141 33.24 -3.13 -9.02
CA ASP A 141 32.92 -2.96 -10.43
C ASP A 141 31.71 -2.07 -10.59
N ALA A 142 31.12 -2.08 -11.77
CA ALA A 142 30.03 -1.19 -12.10
C ALA A 142 28.83 -1.43 -11.17
N MET A 143 28.63 -2.67 -10.71
CA MET A 143 27.44 -2.98 -9.88
C MET A 143 27.73 -2.83 -8.40
N LEU A 144 29.02 -2.91 -8.04
CA LEU A 144 29.48 -3.01 -6.67
C LEU A 144 30.48 -1.90 -6.37
N ASN A 145 30.01 -0.79 -5.82
CA ASN A 145 30.91 0.33 -5.58
C ASN A 145 30.27 1.40 -4.70
N PRO A 146 31.07 2.39 -4.26
CA PRO A 146 30.57 3.36 -3.29
C PRO A 146 29.51 4.29 -3.84
N LYS A 147 29.32 4.32 -5.16
N LYS A 147 29.32 4.34 -5.15
CA LYS A 147 28.30 5.18 -5.76
CA LYS A 147 28.28 5.20 -5.70
C LYS A 147 26.94 4.51 -5.77
C LYS A 147 27.05 4.39 -6.13
N ARG A 148 26.92 3.19 -5.57
CA ARG A 148 25.67 2.41 -5.64
C ARG A 148 25.03 2.42 -4.25
N TRP A 149 23.76 2.07 -4.21
CA TRP A 149 22.96 2.22 -2.99
C TRP A 149 22.30 0.96 -2.47
N GLY A 150 22.29 -0.11 -3.25
CA GLY A 150 21.60 -1.32 -2.78
C GLY A 150 22.18 -1.96 -1.52
N ASN A 151 21.29 -2.52 -0.71
CA ASN A 151 21.63 -3.29 0.50
C ASN A 151 22.67 -2.64 1.41
N CYS A 152 22.30 -1.48 1.91
CA CYS A 152 23.10 -0.82 2.91
C CYS A 152 22.19 -0.15 3.89
N PHE A 153 22.73 0.14 5.07
CA PHE A 153 22.00 0.77 6.13
C PHE A 153 22.75 2.09 6.37
N ILE A 154 22.02 3.20 6.33
CA ILE A 154 22.61 4.53 6.17
C ILE A 154 22.34 5.46 7.36
N ILE A 155 23.39 6.11 7.85
CA ILE A 155 23.25 7.19 8.81
C ILE A 155 23.90 8.45 8.26
N ASP A 156 23.46 9.61 8.78
CA ASP A 156 24.01 10.93 8.39
C ASP A 156 25.25 11.29 9.18
N GLN A 157 25.39 10.68 10.34
CA GLN A 157 26.52 10.92 11.22
C GLN A 157 26.47 9.90 12.34
N ASP A 158 27.54 9.82 13.12
CA ASP A 158 27.65 8.77 14.12
C ASP A 158 26.84 8.99 15.38
N GLU A 159 26.66 10.24 15.77
CA GLU A 159 26.01 10.58 17.03
C GLU A 159 25.10 11.79 16.85
N VAL A 160 23.94 11.76 17.50
CA VAL A 160 23.07 12.93 17.56
C VAL A 160 22.86 13.37 19.00
N LYS A 161 23.57 14.42 19.41
CA LYS A 161 23.45 14.92 20.77
C LYS A 161 22.04 15.40 21.05
N GLY A 162 21.49 14.95 22.18
CA GLY A 162 20.18 15.38 22.65
C GLY A 162 19.03 14.46 22.26
N ALA A 163 19.30 13.49 21.39
CA ALA A 163 18.30 12.48 21.08
C ALA A 163 18.16 11.51 22.25
N LYS A 164 17.03 10.80 22.34
CA LYS A 164 16.84 9.80 23.38
C LYS A 164 17.87 8.69 23.23
N PHE A 165 18.21 8.38 21.98
CA PHE A 165 19.20 7.36 21.64
C PHE A 165 20.21 7.99 20.71
N PRO A 166 21.19 8.68 21.29
CA PRO A 166 22.15 9.44 20.47
C PRO A 166 23.15 8.60 19.66
N ASN A 167 23.36 7.35 20.01
CA ASN A 167 24.40 6.54 19.42
C ASN A 167 23.91 5.87 18.12
N LEU A 168 23.87 6.62 17.04
CA LEU A 168 23.39 6.08 15.76
C LEU A 168 24.28 4.95 15.27
N LEU A 169 25.59 5.13 15.40
CA LEU A 169 26.50 4.14 14.87
C LEU A 169 26.27 2.78 15.52
N ALA A 170 26.10 2.76 16.83
CA ALA A 170 25.96 1.48 17.55
C ALA A 170 24.68 0.80 17.11
N PHE A 171 23.59 1.59 17.01
CA PHE A 171 22.33 1.07 16.52
C PHE A 171 22.47 0.54 15.11
N ALA A 172 23.16 1.29 14.25
CA ALA A 172 23.31 0.88 12.87
C ALA A 172 24.13 -0.42 12.78
N ASN A 173 25.24 -0.50 13.50
CA ASN A 173 26.08 -1.69 13.39
C ASN A 173 25.35 -2.93 13.86
N ASN A 174 24.52 -2.78 14.89
CA ASN A 174 23.80 -3.92 15.44
C ASN A 174 22.65 -4.33 14.51
N THR A 175 22.02 -3.35 13.88
CA THR A 175 20.93 -3.65 12.93
C THR A 175 21.53 -4.37 11.73
N ILE A 176 22.70 -3.93 11.25
CA ILE A 176 23.36 -4.59 10.14
C ILE A 176 23.73 -6.04 10.52
N GLU A 177 24.28 -6.23 11.72
CA GLU A 177 24.58 -7.59 12.16
C GLU A 177 23.33 -8.49 12.17
N SER A 178 22.20 -7.93 12.56
CA SER A 178 20.95 -8.68 12.57
C SER A 178 20.53 -9.09 11.17
N ILE A 179 20.55 -8.15 10.24
CA ILE A 179 20.19 -8.43 8.84
C ILE A 179 21.12 -9.50 8.28
N ASN A 180 22.40 -9.36 8.54
CA ASN A 180 23.39 -10.23 7.94
C ASN A 180 23.38 -11.66 8.48
N ALA A 181 22.63 -11.89 9.54
CA ALA A 181 22.42 -13.24 10.05
C ALA A 181 21.40 -14.02 9.20
N HIS A 182 20.79 -13.33 8.22
CA HIS A 182 19.70 -13.89 7.42
C HIS A 182 19.86 -13.74 5.91
N LEU A 183 21.10 -13.73 5.41
CA LEU A 183 21.34 -13.50 3.98
C LEU A 183 20.87 -14.64 3.10
N LEU A 184 20.17 -14.28 2.03
CA LEU A 184 19.75 -15.28 1.07
C LEU A 184 20.92 -15.71 0.18
N HIS A 185 21.73 -14.74 -0.26
N HIS A 185 21.76 -14.75 -0.20
CA HIS A 185 22.95 -15.00 -1.03
CA HIS A 185 22.93 -15.02 -1.03
C HIS A 185 24.03 -14.09 -0.45
C HIS A 185 24.05 -14.04 -0.62
N PRO A 186 25.29 -14.52 -0.49
CA PRO A 186 26.34 -13.68 0.08
C PRO A 186 26.51 -12.29 -0.55
N ILE A 187 26.16 -12.08 -1.82
CA ILE A 187 26.33 -10.78 -2.43
C ILE A 187 25.44 -9.74 -1.76
N GLU A 188 24.40 -10.22 -1.08
CA GLU A 188 23.40 -9.33 -0.46
C GLU A 188 23.81 -8.77 0.91
N GLU A 189 25.02 -9.11 1.36
CA GLU A 189 25.55 -8.64 2.63
C GLU A 189 25.44 -7.12 2.78
N TYR A 190 24.88 -6.73 3.93
CA TYR A 190 24.69 -5.33 4.23
C TYR A 190 25.97 -4.67 4.76
N HIS A 191 26.19 -3.42 4.34
CA HIS A 191 27.27 -2.61 4.88
C HIS A 191 26.76 -1.28 5.35
N LEU A 192 27.49 -0.67 6.27
CA LEU A 192 27.18 0.66 6.75
C LEU A 192 27.61 1.70 5.75
N LYS A 193 26.74 2.68 5.54
CA LYS A 193 27.11 3.86 4.78
C LYS A 193 26.83 5.07 5.66
N ASN A 194 27.87 5.80 6.04
CA ASN A 194 27.72 7.03 6.80
C ASN A 194 27.98 8.19 5.84
N THR A 195 26.94 8.96 5.48
CA THR A 195 27.12 10.01 4.51
C THR A 195 27.76 11.31 5.07
N ARG A 196 27.98 11.35 6.38
CA ARG A 196 28.61 12.52 7.03
C ARG A 196 28.03 13.81 6.46
N THR A 197 26.72 13.88 6.50
CA THR A 197 25.99 14.86 5.72
C THR A 197 26.39 16.29 6.02
N ALA A 198 26.52 16.58 7.30
CA ALA A 198 26.86 17.92 7.75
C ALA A 198 28.21 18.36 7.18
N GLN A 199 29.09 17.39 6.92
CA GLN A 199 30.42 17.67 6.36
C GLN A 199 30.43 17.66 4.83
N GLY A 200 29.49 18.37 4.24
CA GLY A 200 29.60 18.74 2.84
C GLY A 200 28.82 17.97 1.79
N ASP A 201 27.91 17.08 2.21
CA ASP A 201 27.09 16.34 1.27
C ASP A 201 25.83 17.15 1.00
N THR A 202 25.89 17.96 -0.04
CA THR A 202 24.90 18.99 -0.24
C THR A 202 23.57 18.38 -0.66
N GLU A 203 23.61 17.17 -1.22
CA GLU A 203 22.38 16.48 -1.59
C GLU A 203 21.68 15.89 -0.36
N MET A 204 22.43 15.20 0.50
CA MET A 204 21.82 14.64 1.70
C MET A 204 21.39 15.75 2.66
N GLN A 205 21.98 16.94 2.55
CA GLN A 205 21.56 18.06 3.38
C GLN A 205 20.12 18.46 3.11
N LYS A 206 19.59 18.04 1.96
CA LYS A 206 18.23 18.36 1.55
C LYS A 206 17.22 17.25 1.79
N ALA A 207 17.68 16.15 2.37
CA ALA A 207 16.86 14.94 2.47
C ALA A 207 16.26 14.73 3.86
N LEU A 208 15.42 13.71 3.94
CA LEU A 208 14.55 13.54 5.08
C LEU A 208 15.30 13.20 6.37
N THR A 209 16.30 12.32 6.32
CA THR A 209 16.87 11.88 7.57
C THR A 209 17.71 12.99 8.20
N PHE A 210 18.28 13.89 7.39
CA PHE A 210 19.04 14.99 7.95
C PHE A 210 18.10 15.96 8.64
N TYR A 211 16.91 16.13 8.09
CA TYR A 211 15.91 16.95 8.79
C TYR A 211 15.59 16.34 10.16
N ALA A 212 15.36 15.02 10.18
CA ALA A 212 15.10 14.31 11.43
C ALA A 212 16.22 14.48 12.48
N ILE A 213 17.48 14.31 12.07
CA ILE A 213 18.61 14.50 12.99
C ILE A 213 18.60 15.91 13.57
N ASN A 214 18.21 16.87 12.76
CA ASN A 214 18.17 18.26 13.21
C ASN A 214 17.00 18.55 14.14
N GLN A 215 16.03 17.63 14.21
CA GLN A 215 15.00 17.67 15.27
C GLN A 215 15.39 16.77 16.44
N LYS A 216 16.64 16.34 16.48
CA LYS A 216 17.16 15.48 17.56
C LYS A 216 16.39 14.15 17.68
N LYS A 217 16.06 13.59 16.52
CA LYS A 217 15.61 12.21 16.41
C LYS A 217 16.77 11.35 15.95
N SER A 218 16.78 10.09 16.35
CA SER A 218 17.75 9.17 15.77
C SER A 218 17.14 8.75 14.45
N ALA A 219 17.91 8.81 13.38
CA ALA A 219 17.35 8.61 12.06
C ALA A 219 18.21 7.68 11.23
N PHE A 220 17.55 6.80 10.48
CA PHE A 220 18.23 5.76 9.71
C PHE A 220 17.53 5.58 8.39
N ALA A 221 18.27 5.21 7.34
CA ALA A 221 17.64 4.76 6.11
C ALA A 221 18.08 3.34 5.80
N ASN A 222 17.15 2.55 5.27
CA ASN A 222 17.51 1.23 4.81
C ASN A 222 17.31 1.16 3.28
N GLU A 223 18.28 0.61 2.58
CA GLU A 223 18.22 0.40 1.14
C GLU A 223 18.16 -1.10 0.80
N ALA A 224 17.22 -1.48 -0.05
CA ALA A 224 17.18 -2.83 -0.61
C ALA A 224 17.54 -2.72 -2.09
N SER A 225 18.32 -3.67 -2.58
CA SER A 225 18.81 -3.55 -3.97
C SER A 225 17.71 -3.77 -5.00
N LYS A 226 17.70 -2.89 -6.01
CA LYS A 226 16.75 -3.02 -7.10
C LYS A 226 17.09 -4.23 -7.97
N GLU A 227 18.30 -4.79 -7.84
CA GLU A 227 18.63 -5.99 -8.60
C GLU A 227 17.88 -7.21 -8.02
N LEU A 228 17.26 -7.05 -6.86
CA LEU A 228 16.52 -8.14 -6.22
C LEU A 228 15.05 -8.19 -6.67
N PRO A 229 14.47 -9.38 -6.73
CA PRO A 229 13.02 -9.46 -6.90
C PRO A 229 12.27 -8.82 -5.75
N LEU A 230 11.06 -8.33 -6.00
CA LEU A 230 10.30 -7.62 -4.97
C LEU A 230 10.26 -8.37 -3.64
N ALA A 231 10.00 -9.68 -3.67
CA ALA A 231 9.85 -10.41 -2.40
C ALA A 231 11.14 -10.38 -1.57
N SER A 232 12.29 -10.40 -2.25
CA SER A 232 13.58 -10.30 -1.55
C SER A 232 13.83 -8.90 -1.05
N ARG A 233 13.45 -7.89 -1.81
CA ARG A 233 13.56 -6.52 -1.32
C ARG A 233 12.78 -6.31 -0.07
N VAL A 234 11.54 -6.79 -0.08
CA VAL A 234 10.66 -6.65 1.05
C VAL A 234 11.21 -7.44 2.25
N PHE A 235 11.67 -8.67 2.00
CA PHE A 235 12.35 -9.47 3.04
C PHE A 235 13.46 -8.66 3.75
N TYR A 236 14.31 -7.97 3.01
CA TYR A 236 15.41 -7.26 3.66
C TYR A 236 14.91 -6.03 4.38
N HIS A 237 13.92 -5.34 3.82
CA HIS A 237 13.34 -4.22 4.53
C HIS A 237 12.71 -4.66 5.85
N LEU A 238 12.02 -5.80 5.84
CA LEU A 238 11.49 -6.32 7.08
C LEU A 238 12.56 -6.76 8.05
N GLN A 239 13.68 -7.34 7.57
CA GLN A 239 14.79 -7.61 8.48
C GLN A 239 15.32 -6.34 9.13
N ALA A 240 15.40 -5.26 8.37
CA ALA A 240 15.92 -4.03 8.91
C ALA A 240 14.97 -3.45 9.95
N ILE A 241 13.68 -3.43 9.62
CA ILE A 241 12.70 -3.01 10.60
C ILE A 241 12.78 -3.84 11.91
N GLU A 242 12.82 -5.16 11.80
CA GLU A 242 12.88 -5.98 13.01
C GLU A 242 14.19 -5.72 13.78
N GLY A 243 15.29 -5.60 13.05
CA GLY A 243 16.57 -5.34 13.70
C GLY A 243 16.55 -4.05 14.51
N LEU A 244 15.97 -3.01 13.92
CA LEU A 244 15.92 -1.74 14.59
C LEU A 244 14.92 -1.76 15.75
N LEU A 245 13.79 -2.44 15.56
CA LEU A 245 12.85 -2.53 16.68
C LEU A 245 13.49 -3.28 17.85
N ASN A 246 14.28 -4.29 17.53
CA ASN A 246 14.97 -5.00 18.58
C ASN A 246 15.97 -4.09 19.31
N GLN A 247 16.67 -3.23 18.57
CA GLN A 247 17.63 -2.32 19.23
C GLN A 247 16.91 -1.31 20.09
N LEU A 248 15.75 -0.85 19.64
CA LEU A 248 14.95 0.08 20.42
C LEU A 248 14.21 -0.58 21.58
N ASN A 249 14.20 -1.91 21.59
CA ASN A 249 13.43 -2.65 22.59
C ASN A 249 11.94 -2.32 22.46
N ILE A 250 11.47 -2.23 21.22
CA ILE A 250 10.03 -2.16 20.97
C ILE A 250 9.55 -3.60 20.70
N PRO A 251 8.77 -4.18 21.61
CA PRO A 251 8.43 -5.59 21.38
C PRO A 251 7.32 -5.72 20.36
N PHE A 252 7.39 -6.74 19.50
CA PHE A 252 6.42 -6.95 18.44
C PHE A 252 6.21 -8.45 18.17
N LYS A 253 5.11 -8.77 17.49
CA LYS A 253 4.89 -10.10 16.90
C LYS A 253 4.45 -9.94 15.45
N ARG A 254 4.51 -11.03 14.69
CA ARG A 254 4.03 -11.07 13.32
C ARG A 254 3.35 -12.41 13.14
N ASP A 255 2.41 -12.49 12.19
CA ASP A 255 1.62 -13.70 12.05
C ASP A 255 2.12 -14.61 10.93
N PHE A 256 3.40 -14.48 10.60
CA PHE A 256 4.01 -15.31 9.58
C PHE A 256 5.50 -15.53 9.86
N GLU A 257 6.10 -16.45 9.11
CA GLU A 257 7.52 -16.72 9.18
C GLU A 257 8.24 -15.85 8.15
N LEU A 258 9.31 -15.19 8.54
CA LEU A 258 9.94 -14.25 7.64
C LEU A 258 10.94 -14.95 6.73
N ASN A 259 10.47 -15.26 5.54
CA ASN A 259 11.27 -15.83 4.48
C ASN A 259 10.67 -15.37 3.16
N PRO A 260 11.45 -15.39 2.08
CA PRO A 260 10.92 -14.84 0.84
C PRO A 260 9.64 -15.54 0.34
N SER A 261 9.51 -16.86 0.52
CA SER A 261 8.29 -17.59 0.10
C SER A 261 7.05 -17.03 0.77
N SER A 262 7.14 -16.80 2.08
CA SER A 262 5.99 -16.27 2.84
C SER A 262 5.70 -14.83 2.45
N VAL A 263 6.75 -14.03 2.25
CA VAL A 263 6.56 -12.64 1.84
C VAL A 263 5.86 -12.58 0.48
N HIS A 264 6.30 -13.41 -0.46
CA HIS A 264 5.64 -13.49 -1.75
C HIS A 264 4.15 -13.85 -1.63
N ALA A 265 3.83 -14.86 -0.82
CA ALA A 265 2.45 -15.25 -0.58
C ALA A 265 1.63 -14.09 0.00
N LEU A 266 2.22 -13.29 0.89
CA LEU A 266 1.46 -12.23 1.56
C LEU A 266 1.30 -11.02 0.69
N ILE A 267 2.26 -10.78 -0.20
CA ILE A 267 2.10 -9.72 -1.19
C ILE A 267 0.99 -10.13 -2.15
N ASN A 268 0.99 -11.40 -2.53
CA ASN A 268 0.05 -11.90 -3.53
C ASN A 268 -1.17 -12.54 -2.89
N ASP A 269 -1.61 -11.95 -1.78
CA ASP A 269 -2.66 -12.52 -0.95
C ASP A 269 -4.04 -12.43 -1.65
N LYS A 270 -4.66 -13.58 -1.91
CA LYS A 270 -5.90 -13.60 -2.66
C LYS A 270 -7.07 -13.10 -1.80
N SER A 271 -6.83 -12.88 -0.51
CA SER A 271 -7.87 -12.34 0.35
C SER A 271 -7.89 -10.80 0.31
N LEU A 272 -6.94 -10.19 -0.38
CA LEU A 272 -6.98 -8.72 -0.53
C LEU A 272 -8.13 -8.23 -1.41
N TRP A 273 -8.73 -7.11 -1.03
CA TRP A 273 -9.88 -6.60 -1.74
C TRP A 273 -9.81 -5.09 -1.90
N ALA A 274 -10.66 -4.55 -2.76
CA ALA A 274 -10.84 -3.12 -2.88
C ALA A 274 -12.31 -2.79 -2.94
N LYS A 275 -12.73 -1.81 -2.15
CA LYS A 275 -14.09 -1.30 -2.23
C LYS A 275 -14.10 0.12 -2.77
N ILE A 276 -14.66 0.24 -3.97
CA ILE A 276 -14.74 1.50 -4.70
C ILE A 276 -16.09 2.14 -4.47
N SER A 277 -16.09 3.32 -3.87
CA SER A 277 -17.33 4.01 -3.58
C SER A 277 -18.28 3.05 -2.83
N SER A 278 -19.55 3.03 -3.20
CA SER A 278 -20.54 2.18 -2.52
C SER A 278 -20.67 0.83 -3.21
N LEU A 279 -19.77 0.52 -4.14
CA LEU A 279 -19.83 -0.76 -4.83
C LEU A 279 -19.39 -1.90 -3.89
N PRO A 280 -19.73 -3.14 -4.24
CA PRO A 280 -19.26 -4.25 -3.42
C PRO A 280 -17.73 -4.37 -3.46
N LYS A 281 -17.15 -4.99 -2.44
CA LYS A 281 -15.73 -5.39 -2.50
C LYS A 281 -15.44 -6.27 -3.72
N ILE A 282 -14.35 -5.98 -4.43
CA ILE A 282 -13.85 -6.87 -5.47
C ILE A 282 -12.47 -7.37 -5.04
N PRO A 283 -12.14 -8.62 -5.40
CA PRO A 283 -10.80 -9.15 -5.10
C PRO A 283 -9.74 -8.37 -5.85
N LEU A 284 -8.57 -8.14 -5.27
CA LEU A 284 -7.53 -7.44 -6.00
C LEU A 284 -6.95 -8.32 -7.08
N PHE A 285 -6.72 -9.58 -6.74
CA PHE A 285 -6.03 -10.47 -7.66
C PHE A 285 -6.98 -11.27 -8.54
N ASN A 286 -6.47 -11.64 -9.72
CA ASN A 286 -7.18 -12.49 -10.68
C ASN A 286 -8.46 -11.86 -11.22
N LEU A 287 -8.52 -10.53 -11.18
CA LEU A 287 -9.49 -9.78 -11.99
C LEU A 287 -9.16 -9.92 -13.48
N ARG A 288 -10.17 -9.90 -14.35
CA ARG A 288 -9.86 -9.75 -15.76
C ARG A 288 -9.09 -8.43 -15.95
N PRO A 289 -8.19 -8.36 -16.98
CA PRO A 289 -7.34 -7.17 -17.14
C PRO A 289 -8.13 -5.89 -17.43
N ARG A 290 -9.34 -6.07 -17.96
N ARG A 290 -9.35 -6.06 -17.96
CA ARG A 290 -10.20 -4.95 -18.33
CA ARG A 290 -10.19 -4.92 -18.31
C ARG A 290 -11.62 -5.24 -17.87
C ARG A 290 -11.62 -5.22 -17.92
N LEU A 291 -12.25 -4.24 -17.25
CA LEU A 291 -13.66 -4.33 -16.84
C LEU A 291 -14.44 -3.23 -17.54
N ASN A 292 -15.44 -3.61 -18.33
CA ASN A 292 -16.11 -2.63 -19.18
C ASN A 292 -17.36 -2.03 -18.54
N HIS A 293 -17.73 -0.82 -18.97
CA HIS A 293 -18.98 -0.16 -18.54
C HIS A 293 -19.09 -0.20 -17.02
N PHE A 294 -18.01 0.22 -16.35
CA PHE A 294 -17.91 0.10 -14.91
C PHE A 294 -18.42 1.37 -14.24
N PRO A 295 -19.51 1.27 -13.45
CA PRO A 295 -20.12 2.51 -12.94
C PRO A 295 -19.24 3.24 -11.92
N LEU A 296 -19.03 4.54 -12.16
CA LEU A 296 -18.35 5.44 -11.22
C LEU A 296 -19.18 6.70 -11.08
N PRO A 297 -19.14 7.32 -9.89
CA PRO A 297 -19.96 8.51 -9.69
C PRO A 297 -19.50 9.64 -10.60
N HIS A 298 -20.43 10.28 -11.30
CA HIS A 298 -20.02 11.33 -12.24
C HIS A 298 -19.68 12.61 -11.48
N ASN A 299 -19.06 13.56 -12.20
CA ASN A 299 -18.69 14.86 -11.64
C ASN A 299 -17.87 14.75 -10.34
N THR A 300 -17.10 13.67 -10.22
CA THR A 300 -16.25 13.43 -9.07
C THR A 300 -14.82 13.09 -9.53
N LYS A 301 -13.84 13.88 -9.11
CA LYS A 301 -12.48 13.63 -9.56
C LYS A 301 -12.01 12.31 -8.95
N ILE A 302 -11.26 11.55 -9.75
CA ILE A 302 -10.90 10.19 -9.35
C ILE A 302 -10.21 10.15 -7.98
N PRO A 303 -9.30 11.09 -7.69
CA PRO A 303 -8.67 10.99 -6.37
C PRO A 303 -9.67 11.21 -5.22
N GLN A 304 -10.85 11.74 -5.52
CA GLN A 304 -11.86 11.98 -4.50
C GLN A 304 -12.80 10.79 -4.31
N ILE A 305 -12.73 9.80 -5.19
CA ILE A 305 -13.60 8.63 -5.07
C ILE A 305 -13.12 7.83 -3.87
N PRO A 306 -13.97 7.57 -2.88
CA PRO A 306 -13.48 6.75 -1.77
C PRO A 306 -13.08 5.36 -2.27
N ILE A 307 -11.93 4.89 -1.81
CA ILE A 307 -11.55 3.52 -2.08
C ILE A 307 -10.92 2.91 -0.82
N GLU A 308 -11.54 1.83 -0.35
CA GLU A 308 -11.12 1.14 0.85
C GLU A 308 -10.47 -0.17 0.52
N SER A 309 -9.56 -0.64 1.38
CA SER A 309 -8.90 -1.91 1.15
C SER A 309 -8.34 -2.43 2.46
N ASN A 310 -8.12 -3.74 2.54
CA ASN A 310 -7.40 -4.27 3.70
C ASN A 310 -5.89 -4.08 3.52
N ALA A 311 -5.47 -3.65 2.32
CA ALA A 311 -4.09 -3.20 2.10
C ALA A 311 -4.05 -1.67 2.19
N TYR A 312 -2.85 -1.09 2.30
CA TYR A 312 -2.66 0.33 2.55
C TYR A 312 -2.04 1.09 1.39
N ILE A 313 -1.87 0.40 0.25
CA ILE A 313 -1.20 0.99 -0.91
C ILE A 313 -2.03 0.82 -2.20
N VAL A 314 -3.35 0.85 -2.02
CA VAL A 314 -4.29 0.70 -3.13
C VAL A 314 -4.92 2.05 -3.51
N GLY A 315 -5.09 2.30 -4.81
CA GLY A 315 -5.79 3.47 -5.22
C GLY A 315 -6.17 3.40 -6.69
N LEU A 316 -6.80 4.47 -7.14
CA LEU A 316 -7.29 4.67 -8.51
C LEU A 316 -6.52 5.79 -9.16
N VAL A 317 -6.30 5.69 -10.47
CA VAL A 317 -5.64 6.79 -11.15
C VAL A 317 -6.07 6.76 -12.60
N LYS A 318 -6.29 7.93 -13.16
CA LYS A 318 -6.71 8.08 -14.56
C LYS A 318 -5.54 7.76 -15.49
N ASN A 319 -5.82 6.98 -16.52
CA ASN A 319 -4.86 6.79 -17.60
C ASN A 319 -5.58 6.80 -18.94
N LYS A 320 -5.35 7.87 -19.71
CA LYS A 320 -6.08 8.05 -20.97
C LYS A 320 -7.59 7.94 -20.68
N GLN A 321 -8.29 7.02 -21.35
CA GLN A 321 -9.72 6.85 -21.16
C GLN A 321 -10.06 5.71 -20.20
N GLU A 322 -9.09 5.31 -19.38
CA GLU A 322 -9.36 4.26 -18.41
C GLU A 322 -9.05 4.79 -17.01
N VAL A 323 -9.52 4.05 -16.02
CA VAL A 323 -9.16 4.28 -14.63
C VAL A 323 -8.51 2.99 -14.17
N PHE A 324 -7.23 3.08 -13.79
CA PHE A 324 -6.47 1.94 -13.30
C PHE A 324 -6.67 1.69 -11.80
N LEU A 325 -6.86 0.44 -11.45
CA LEU A 325 -6.84 0.00 -10.06
C LEU A 325 -5.42 -0.47 -9.74
N LYS A 326 -4.74 0.26 -8.85
CA LYS A 326 -3.36 -0.02 -8.48
C LYS A 326 -3.22 -0.62 -7.09
N TYR A 327 -2.29 -1.56 -6.98
CA TYR A 327 -1.84 -2.14 -5.72
C TYR A 327 -0.34 -1.93 -5.72
N GLY A 328 0.08 -0.82 -5.13
CA GLY A 328 1.45 -0.38 -5.28
C GLY A 328 1.74 -0.07 -6.72
N ASN A 329 2.79 -0.66 -7.30
CA ASN A 329 3.08 -0.47 -8.72
C ASN A 329 2.39 -1.52 -9.60
N LYS A 330 1.64 -2.45 -8.98
CA LYS A 330 0.92 -3.48 -9.74
C LYS A 330 -0.41 -2.99 -10.28
N LEU A 331 -0.62 -3.23 -11.56
CA LEU A 331 -1.89 -2.91 -12.18
C LEU A 331 -2.84 -4.09 -12.03
N MET A 332 -3.91 -3.89 -11.26
CA MET A 332 -4.79 -5.01 -10.97
C MET A 332 -5.93 -5.16 -12.00
N THR A 333 -6.44 -4.03 -12.51
CA THR A 333 -7.38 -4.04 -13.64
C THR A 333 -7.52 -2.63 -14.22
N ARG A 334 -7.98 -2.58 -15.47
CA ARG A 334 -8.30 -1.35 -16.16
C ARG A 334 -9.81 -1.19 -16.20
N LEU A 335 -10.35 -0.22 -15.47
CA LEU A 335 -11.77 0.09 -15.53
C LEU A 335 -12.05 0.97 -16.73
N SER A 336 -13.02 0.57 -17.54
CA SER A 336 -13.55 1.48 -18.56
C SER A 336 -14.79 2.14 -17.98
N PRO A 337 -14.68 3.38 -17.52
CA PRO A 337 -15.76 3.93 -16.69
C PRO A 337 -17.09 4.25 -17.40
N PHE A 338 -18.17 4.01 -16.66
CA PHE A 338 -19.50 4.50 -16.99
C PHE A 338 -19.86 5.56 -15.94
N TYR A 339 -19.70 6.83 -16.29
CA TYR A 339 -19.94 7.90 -15.34
C TYR A 339 -21.42 8.17 -15.23
N ILE A 340 -21.93 8.05 -14.02
CA ILE A 340 -23.38 8.10 -13.80
C ILE A 340 -23.69 8.59 -12.40
N GLU A 341 -24.83 9.23 -12.22
CA GLU A 341 -25.27 9.61 -10.89
C GLU A 341 -25.53 8.38 -10.00
N PHE A 342 -24.91 8.35 -8.82
CA PHE A 342 -25.14 7.27 -7.85
C PHE A 342 -26.28 7.65 -6.89
N ASP A 343 -27.47 7.11 -7.16
CA ASP A 343 -28.65 7.35 -6.33
C ASP A 343 -28.63 6.40 -5.11
N PRO A 344 -28.57 6.96 -3.90
CA PRO A 344 -28.38 6.04 -2.77
C PRO A 344 -29.66 5.52 -2.11
N SER A 345 -30.83 5.73 -2.71
CA SER A 345 -32.10 5.42 -2.05
C SER A 345 -32.33 3.93 -1.84
N LEU A 346 -31.71 3.10 -2.68
CA LEU A 346 -31.95 1.66 -2.64
C LEU A 346 -31.02 0.97 -1.65
N GLU A 347 -31.55 0.45 -0.56
CA GLU A 347 -30.72 -0.13 0.48
C GLU A 347 -30.53 -1.64 0.35
N GLU A 348 -31.58 -2.32 -0.07
CA GLU A 348 -31.57 -3.75 -0.14
C GLU A 348 -32.55 -4.27 -1.21
N VAL A 349 -32.30 -5.50 -1.65
CA VAL A 349 -33.06 -6.14 -2.70
C VAL A 349 -33.40 -7.53 -2.23
N LYS A 350 -34.65 -7.91 -2.41
CA LYS A 350 -35.08 -9.25 -2.06
C LYS A 350 -34.67 -10.21 -3.15
N MET A 351 -33.83 -11.17 -2.78
CA MET A 351 -33.38 -12.21 -3.71
C MET A 351 -33.65 -13.58 -3.12
N GLN A 352 -34.05 -14.49 -3.99
CA GLN A 352 -34.02 -15.90 -3.69
C GLN A 352 -32.63 -16.45 -4.00
N ILE A 353 -31.99 -17.01 -2.98
CA ILE A 353 -30.66 -17.64 -3.15
C ILE A 353 -30.78 -19.10 -2.82
N ASP A 354 -30.58 -19.95 -3.82
CA ASP A 354 -30.65 -21.39 -3.61
C ASP A 354 -31.93 -21.78 -2.86
N ASN A 355 -33.06 -21.27 -3.37
CA ASN A 355 -34.42 -21.52 -2.86
C ASN A 355 -34.85 -20.67 -1.68
N LYS A 356 -33.93 -19.92 -1.07
CA LYS A 356 -34.25 -19.21 0.16
C LYS A 356 -34.22 -17.72 -0.01
N ASP A 357 -35.35 -17.12 0.32
CA ASP A 357 -35.52 -15.69 0.22
C ASP A 357 -34.65 -15.00 1.25
N GLN A 358 -33.98 -13.94 0.85
CA GLN A 358 -33.24 -13.10 1.78
C GLN A 358 -33.13 -11.68 1.25
N MET A 359 -33.02 -10.72 2.16
CA MET A 359 -32.78 -9.34 1.78
C MET A 359 -31.29 -9.14 1.62
N VAL A 360 -30.85 -8.81 0.41
CA VAL A 360 -29.44 -8.65 0.12
C VAL A 360 -29.13 -7.14 0.04
N LYS A 361 -28.20 -6.67 0.86
CA LYS A 361 -27.89 -5.25 0.87
C LYS A 361 -27.13 -4.90 -0.41
N ILE A 362 -27.50 -3.77 -1.00
CA ILE A 362 -26.70 -3.16 -2.05
C ILE A 362 -25.27 -3.02 -1.56
N GLY A 363 -24.31 -3.40 -2.41
CA GLY A 363 -22.90 -3.34 -2.09
C GLY A 363 -22.36 -4.58 -1.42
N SER A 364 -23.13 -5.67 -1.43
CA SER A 364 -22.63 -6.92 -0.88
C SER A 364 -22.36 -7.93 -1.98
N VAL A 365 -21.71 -9.00 -1.55
CA VAL A 365 -21.38 -10.16 -2.37
C VAL A 365 -22.16 -11.31 -1.78
N VAL A 366 -22.89 -12.03 -2.62
CA VAL A 366 -23.65 -13.19 -2.16
C VAL A 366 -23.14 -14.43 -2.86
N GLU A 367 -22.92 -15.47 -2.07
CA GLU A 367 -22.38 -16.72 -2.62
C GLU A 367 -23.57 -17.58 -3.07
N VAL A 368 -23.45 -18.19 -4.26
CA VAL A 368 -24.56 -18.95 -4.84
C VAL A 368 -24.06 -20.35 -5.19
N LYS A 369 -24.74 -21.36 -4.64
CA LYS A 369 -24.41 -22.76 -4.97
C LYS A 369 -25.14 -23.29 -6.22
N GLU A 370 -26.34 -22.78 -6.46
CA GLU A 370 -27.28 -23.39 -7.40
C GLU A 370 -27.90 -22.35 -8.32
N SER A 371 -28.58 -21.39 -7.73
CA SER A 371 -29.46 -20.50 -8.51
C SER A 371 -29.82 -19.26 -7.72
N PHE A 372 -30.29 -18.24 -8.42
CA PHE A 372 -30.88 -17.10 -7.74
C PHE A 372 -32.02 -16.51 -8.58
N TYR A 373 -32.87 -15.76 -7.91
CA TYR A 373 -34.00 -15.09 -8.50
C TYR A 373 -34.14 -13.72 -7.84
N ILE A 374 -34.16 -12.66 -8.64
CA ILE A 374 -34.31 -11.30 -8.11
C ILE A 374 -35.79 -10.94 -8.14
N HIS A 375 -36.34 -10.52 -7.02
CA HIS A 375 -37.73 -10.04 -7.01
C HIS A 375 -37.83 -8.67 -7.65
N ALA A 376 -38.83 -8.53 -8.52
CA ALA A 376 -39.09 -7.27 -9.18
C ALA A 376 -39.45 -6.16 -8.19
N MET A 377 -39.10 -4.95 -8.57
CA MET A 377 -39.40 -3.74 -7.81
C MET A 377 -39.94 -2.71 -8.81
N ASP A 378 -40.93 -1.94 -8.39
N ASP A 378 -40.94 -1.94 -8.38
CA ASP A 378 -41.72 -1.11 -9.32
CA ASP A 378 -41.72 -1.10 -9.29
C ASP A 378 -40.91 -0.20 -10.23
C ASP A 378 -40.90 -0.20 -10.22
N ASN A 379 -40.02 0.60 -9.65
CA ASN A 379 -39.27 1.60 -10.41
C ASN A 379 -37.79 1.30 -10.48
N ILE A 380 -37.43 0.05 -10.17
CA ILE A 380 -36.04 -0.41 -10.23
C ILE A 380 -35.91 -1.46 -11.34
N ARG A 381 -34.89 -1.28 -12.16
CA ARG A 381 -34.56 -2.20 -13.23
C ARG A 381 -33.23 -2.89 -12.89
N ALA A 382 -33.13 -4.20 -13.11
CA ALA A 382 -31.91 -4.95 -12.80
C ALA A 382 -31.28 -5.48 -14.07
N ASN A 383 -29.99 -5.22 -14.23
CA ASN A 383 -29.22 -5.81 -15.29
C ASN A 383 -28.24 -6.81 -14.69
N VAL A 384 -28.47 -8.09 -14.96
CA VAL A 384 -27.54 -9.14 -14.57
C VAL A 384 -26.50 -9.23 -15.66
N ILE A 385 -25.29 -8.76 -15.39
CA ILE A 385 -24.30 -8.61 -16.45
C ILE A 385 -23.72 -9.96 -16.87
N GLY A 386 -24.03 -10.38 -18.09
CA GLY A 386 -23.63 -11.69 -18.56
C GLY A 386 -24.82 -12.58 -18.79
N PHE A 387 -26.01 -12.09 -18.43
CA PHE A 387 -27.28 -12.79 -18.62
C PHE A 387 -28.09 -12.00 -19.60
N SER A 388 -28.68 -12.67 -20.58
CA SER A 388 -29.54 -11.98 -21.53
C SER A 388 -30.84 -12.76 -21.76
N VAL A 389 -31.88 -12.01 -22.07
CA VAL A 389 -33.17 -12.59 -22.44
C VAL A 389 -33.49 -12.26 -23.88
N ASN A 396 -35.65 -5.44 -18.10
CA ASN A 396 -35.49 -5.76 -16.67
C ASN A 396 -35.23 -7.26 -16.51
N GLU A 397 -34.22 -7.62 -15.73
CA GLU A 397 -33.89 -9.04 -15.56
C GLU A 397 -34.16 -9.53 -14.14
N ALA A 398 -34.89 -8.75 -13.37
CA ALA A 398 -35.59 -9.31 -12.22
C ALA A 398 -36.65 -10.29 -12.73
N GLY A 399 -37.02 -11.27 -11.90
CA GLY A 399 -38.07 -12.20 -12.26
C GLY A 399 -37.64 -13.37 -13.13
N TYR A 400 -36.33 -13.61 -13.21
CA TYR A 400 -35.78 -14.79 -13.88
C TYR A 400 -35.02 -15.67 -12.89
N THR A 401 -35.23 -16.98 -12.98
CA THR A 401 -34.42 -17.91 -12.23
C THR A 401 -33.15 -18.20 -12.98
N ILE A 402 -32.03 -17.86 -12.37
CA ILE A 402 -30.77 -17.80 -13.08
C ILE A 402 -29.77 -18.76 -12.46
N ARG A 403 -29.16 -19.60 -13.30
CA ARG A 403 -28.13 -20.55 -12.88
C ARG A 403 -26.80 -20.22 -13.61
N PHE A 404 -25.72 -20.83 -13.15
CA PHE A 404 -24.39 -20.59 -13.74
C PHE A 404 -24.38 -20.81 -15.27
N LYS A 405 -25.06 -21.86 -15.74
CA LYS A 405 -25.04 -22.18 -17.16
C LYS A 405 -25.76 -21.13 -18.00
N ASP A 406 -26.46 -20.20 -17.35
CA ASP A 406 -27.16 -19.13 -18.04
C ASP A 406 -26.23 -17.94 -18.36
N PHE A 407 -25.02 -17.95 -17.82
CA PHE A 407 -24.12 -16.83 -17.98
C PHE A 407 -23.19 -16.99 -19.16
N GLN A 408 -22.98 -15.90 -19.88
CA GLN A 408 -21.88 -15.76 -20.84
C GLN A 408 -20.65 -15.43 -20.01
N LYS A 409 -19.71 -16.37 -19.94
CA LYS A 409 -18.64 -16.33 -18.95
C LYS A 409 -17.66 -15.17 -19.14
N ARG A 410 -17.62 -14.59 -20.34
CA ARG A 410 -16.67 -13.52 -20.63
C ARG A 410 -17.03 -12.21 -19.92
N PHE A 411 -18.23 -12.16 -19.34
CA PHE A 411 -18.70 -10.99 -18.62
C PHE A 411 -18.32 -11.04 -17.13
N SER A 412 -17.67 -12.11 -16.72
CA SER A 412 -17.29 -12.24 -15.33
C SER A 412 -16.25 -11.19 -14.97
N LEU A 413 -16.25 -10.81 -13.71
CA LEU A 413 -15.24 -9.91 -13.16
C LEU A 413 -13.86 -10.58 -13.06
N ASP A 414 -13.88 -11.89 -12.86
CA ASP A 414 -12.70 -12.67 -12.50
C ASP A 414 -12.24 -13.62 -13.59
N LYS A 415 -10.94 -13.89 -13.65
CA LYS A 415 -10.43 -14.91 -14.53
C LYS A 415 -11.06 -16.27 -14.27
N GLN A 416 -11.42 -16.54 -13.01
CA GLN A 416 -12.02 -17.83 -12.64
C GLN A 416 -13.47 -17.99 -13.13
N GLU A 417 -14.06 -16.92 -13.66
CA GLU A 417 -15.38 -16.95 -14.29
C GLU A 417 -16.48 -17.34 -13.29
N ARG A 418 -16.30 -16.94 -12.04
CA ARG A 418 -17.25 -17.26 -10.98
C ARG A 418 -18.03 -16.05 -10.42
N ILE A 419 -17.55 -14.83 -10.69
CA ILE A 419 -18.10 -13.62 -10.08
C ILE A 419 -18.75 -12.73 -11.12
N TYR A 420 -20.04 -12.41 -10.92
CA TYR A 420 -20.81 -11.63 -11.88
C TYR A 420 -21.48 -10.41 -11.21
N ARG A 421 -21.62 -9.34 -11.97
CA ARG A 421 -22.21 -8.10 -11.49
C ARG A 421 -23.71 -8.09 -11.73
N ILE A 422 -24.47 -7.70 -10.70
CA ILE A 422 -25.85 -7.28 -10.88
C ILE A 422 -25.96 -5.78 -10.61
N GLU A 423 -26.41 -5.04 -11.60
CA GLU A 423 -26.52 -3.59 -11.53
C GLU A 423 -27.98 -3.12 -11.52
N PHE A 424 -28.31 -2.20 -10.61
CA PHE A 424 -29.69 -1.71 -10.46
C PHE A 424 -29.77 -0.25 -10.90
N TYR A 425 -30.85 0.10 -11.60
CA TYR A 425 -31.03 1.44 -12.16
C TYR A 425 -32.43 1.99 -11.85
N LYS A 426 -32.47 3.30 -11.62
CA LYS A 426 -33.71 4.01 -11.35
C LYS A 426 -33.70 5.40 -11.99
N ASN A 427 -34.04 5.49 -13.26
CA ASN A 427 -33.70 4.45 -14.21
C ASN A 427 -32.75 5.03 -15.24
N ASN A 428 -32.44 6.31 -15.04
CA ASN A 428 -31.27 6.91 -15.65
C ASN A 428 -30.18 7.16 -14.60
N ALA A 429 -30.47 6.82 -13.34
CA ALA A 429 -29.46 6.84 -12.27
C ALA A 429 -29.08 5.43 -11.81
N PHE A 430 -27.92 5.33 -11.18
CA PHE A 430 -27.36 4.07 -10.69
C PHE A 430 -27.75 3.86 -9.24
N SER A 431 -28.44 2.75 -8.98
CA SER A 431 -28.98 2.49 -7.67
C SER A 431 -28.13 1.51 -6.87
N GLY A 432 -27.12 0.92 -7.51
CA GLY A 432 -26.18 0.08 -6.80
C GLY A 432 -25.85 -1.21 -7.49
N MET A 433 -24.93 -1.96 -6.90
CA MET A 433 -24.45 -3.21 -7.45
C MET A 433 -24.42 -4.25 -6.35
N ILE A 434 -24.72 -5.49 -6.75
CA ILE A 434 -24.53 -6.69 -5.94
C ILE A 434 -23.73 -7.64 -6.81
N LEU A 435 -22.76 -8.34 -6.21
CA LEU A 435 -22.02 -9.38 -6.89
C LEU A 435 -22.55 -10.75 -6.50
N VAL A 436 -22.66 -11.64 -7.47
CA VAL A 436 -22.91 -13.05 -7.17
C VAL A 436 -21.63 -13.82 -7.42
N LYS A 437 -21.25 -14.68 -6.48
CA LYS A 437 -20.09 -15.53 -6.67
C LYS A 437 -20.58 -16.98 -6.63
N PHE A 438 -20.36 -17.70 -7.72
CA PHE A 438 -20.75 -19.09 -7.78
C PHE A 438 -19.71 -19.94 -7.09
N VAL A 439 -20.15 -20.67 -6.06
CA VAL A 439 -19.27 -21.49 -5.22
C VAL A 439 -19.75 -22.95 -5.13
#